data_7ERK
#
_entry.id   7ERK
#
_cell.length_a   43.174
_cell.length_b   85.644
_cell.length_c   63.609
_cell.angle_alpha   90.00
_cell.angle_beta   90.00
_cell.angle_gamma   90.00
#
_symmetry.space_group_name_H-M   'P 21 21 2'
#
loop_
_entity.id
_entity.type
_entity.pdbx_description
1 polymer Transthyretin
2 non-polymer N-(2-CHLORO-6-METHYLPHENYL)-2-({6-[4-(2-HYDROXYETHYL)PIPERAZIN-1-YL]-2-METHYLPYRIMIDIN-4-YL}AMINO)-1,3-THIAZOLE-5-CARBOXAMIDE
3 water water
#
_entity_poly.entity_id   1
_entity_poly.type   'polypeptide(L)'
_entity_poly.pdbx_seq_one_letter_code
;MRGSHHHHHHGSMASHRLLLLCLAGLVFVSEAGPTGTGESKCPLMVKVLDAVRGSPAINVAMHVFRKAADDTWEPFASGK
TSESGELHGLTTEEEFVEGIYKVEIDTKSYWKALGISPFHEHAEVVFTANDSGPRRYTIAALLSPYSYSTTAVVTNPKE
;
_entity_poly.pdbx_strand_id   A,B
#
loop_
_chem_comp.id
_chem_comp.type
_chem_comp.name
_chem_comp.formula
1N1 non-polymer N-(2-CHLORO-6-METHYLPHENYL)-2-({6-[4-(2-HYDROXYETHYL)PIPERAZIN-1-YL]-2-METHYLPYRIMIDIN-4-YL}AMINO)-1,3-THIAZOLE-5-CARBOXAMIDE 'C22 H26 Cl N7 O2 S'
#
# COMPACT_ATOMS: atom_id res chain seq x y z
N CYS A 42 5.31 -21.32 -10.85
CA CYS A 42 4.74 -20.51 -9.77
C CYS A 42 4.63 -19.05 -10.21
N PRO A 43 3.39 -18.62 -10.53
CA PRO A 43 3.20 -17.30 -11.14
C PRO A 43 3.03 -16.14 -10.17
N LEU A 44 2.91 -16.40 -8.87
CA LEU A 44 2.75 -15.34 -7.88
C LEU A 44 3.49 -15.74 -6.62
N MET A 45 4.57 -15.03 -6.31
CA MET A 45 5.34 -15.22 -5.09
C MET A 45 5.48 -13.89 -4.37
N VAL A 46 5.55 -13.94 -3.05
CA VAL A 46 5.71 -12.74 -2.22
C VAL A 46 6.88 -12.95 -1.27
N LYS A 47 7.75 -11.95 -1.18
CA LYS A 47 8.91 -11.99 -0.29
C LYS A 47 8.86 -10.78 0.62
N VAL A 48 9.05 -10.99 1.92
CA VAL A 48 8.93 -9.93 2.91
C VAL A 48 10.19 -9.89 3.76
N LEU A 49 10.75 -8.70 3.92
CA LEU A 49 11.96 -8.49 4.70
C LEU A 49 11.68 -7.52 5.86
N ASP A 50 12.44 -7.71 6.94
CA ASP A 50 12.36 -6.87 8.13
C ASP A 50 13.57 -5.93 8.14
N ALA A 51 13.31 -4.62 8.03
CA ALA A 51 14.40 -3.64 7.96
C ALA A 51 14.95 -3.25 9.32
N VAL A 52 14.30 -3.66 10.42
CA VAL A 52 14.80 -3.39 11.76
C VAL A 52 15.80 -4.45 12.20
N ARG A 53 15.49 -5.71 11.92
CA ARG A 53 16.32 -6.83 12.32
C ARG A 53 17.27 -7.29 11.24
N GLY A 54 17.09 -6.84 9.99
CA GLY A 54 17.92 -7.31 8.90
C GLY A 54 17.74 -8.79 8.66
N SER A 55 16.48 -9.21 8.52
CA SER A 55 16.18 -10.63 8.43
C SER A 55 14.96 -10.79 7.54
N PRO A 56 14.70 -12.00 7.04
CA PRO A 56 13.38 -12.27 6.46
C PRO A 56 12.32 -11.97 7.51
N ALA A 57 11.14 -11.57 7.04
CA ALA A 57 9.97 -11.41 7.92
C ALA A 57 9.21 -12.74 7.89
N ILE A 58 9.30 -13.49 8.98
CA ILE A 58 8.80 -14.86 9.05
C ILE A 58 7.40 -14.83 9.64
N ASN A 59 6.55 -15.75 9.16
CA ASN A 59 5.21 -15.96 9.73
C ASN A 59 4.29 -14.76 9.48
N VAL A 60 4.51 -14.04 8.38
CA VAL A 60 3.68 -12.90 8.03
C VAL A 60 2.49 -13.41 7.23
N ALA A 61 1.29 -13.18 7.74
CA ALA A 61 0.09 -13.60 7.05
C ALA A 61 -0.25 -12.61 5.94
N MET A 62 -0.85 -13.13 4.86
CA MET A 62 -1.35 -12.26 3.81
C MET A 62 -2.51 -12.93 3.08
N HIS A 63 -3.40 -12.10 2.56
CA HIS A 63 -4.55 -12.56 1.81
C HIS A 63 -4.53 -11.91 0.43
N VAL A 64 -4.83 -12.70 -0.60
CA VAL A 64 -4.92 -12.23 -1.97
C VAL A 64 -6.38 -12.20 -2.37
N PHE A 65 -6.81 -11.10 -2.98
CA PHE A 65 -8.18 -10.93 -3.45
C PHE A 65 -8.15 -10.62 -4.94
N ARG A 66 -9.24 -10.97 -5.62
CA ARG A 66 -9.40 -10.66 -7.04
C ARG A 66 -10.70 -9.91 -7.24
N LYS A 67 -10.64 -8.83 -8.02
CA LYS A 67 -11.83 -8.01 -8.24
C LYS A 67 -12.82 -8.77 -9.10
N ALA A 68 -14.04 -8.94 -8.59
CA ALA A 68 -15.07 -9.64 -9.34
C ALA A 68 -15.77 -8.70 -10.32
N ALA A 69 -16.61 -9.29 -11.18
CA ALA A 69 -17.30 -8.51 -12.19
C ALA A 69 -18.23 -7.47 -11.57
N ASP A 70 -18.69 -7.71 -10.35
CA ASP A 70 -19.56 -6.78 -9.63
C ASP A 70 -18.77 -5.75 -8.82
N ASP A 71 -17.46 -5.62 -9.08
CA ASP A 71 -16.58 -4.64 -8.45
C ASP A 71 -16.26 -4.97 -6.99
N THR A 72 -16.57 -6.17 -6.53
CA THR A 72 -16.24 -6.58 -5.16
C THR A 72 -14.95 -7.39 -5.14
N TRP A 73 -14.30 -7.38 -3.99
CA TRP A 73 -13.05 -8.12 -3.80
C TRP A 73 -13.38 -9.55 -3.38
N GLU A 74 -13.09 -10.51 -4.26
CA GLU A 74 -13.35 -11.88 -3.84
C GLU A 74 -12.08 -12.53 -3.34
N PRO A 75 -12.16 -13.35 -2.29
CA PRO A 75 -10.97 -14.08 -1.82
C PRO A 75 -10.39 -14.97 -2.91
N PHE A 76 -9.07 -14.94 -3.03
CA PHE A 76 -8.37 -15.68 -4.08
C PHE A 76 -7.38 -16.70 -3.54
N ALA A 77 -6.57 -16.32 -2.56
CA ALA A 77 -5.60 -17.22 -1.96
C ALA A 77 -5.07 -16.56 -0.69
N SER A 78 -4.47 -17.37 0.17
CA SER A 78 -3.85 -16.83 1.38
C SER A 78 -2.75 -17.76 1.87
N GLY A 79 -1.92 -17.23 2.76
CA GLY A 79 -0.82 -18.01 3.30
C GLY A 79 0.01 -17.15 4.22
N LYS A 80 1.10 -17.74 4.70
CA LYS A 80 2.04 -17.00 5.54
C LYS A 80 3.47 -17.25 5.05
N THR A 81 4.34 -16.28 5.31
CA THR A 81 5.72 -16.40 4.86
C THR A 81 6.46 -17.48 5.63
N SER A 82 7.40 -18.11 4.96
CA SER A 82 8.21 -19.19 5.52
C SER A 82 9.37 -18.62 6.32
N GLU A 83 10.27 -19.51 6.77
CA GLU A 83 11.49 -19.08 7.45
C GLU A 83 12.36 -18.21 6.56
N SER A 84 12.21 -18.30 5.25
CA SER A 84 12.95 -17.46 4.31
C SER A 84 12.20 -16.17 3.97
N GLY A 85 11.08 -15.90 4.64
CA GLY A 85 10.29 -14.72 4.32
C GLY A 85 9.53 -14.80 3.03
N GLU A 86 9.39 -15.99 2.45
CA GLU A 86 8.75 -16.18 1.16
C GLU A 86 7.44 -16.93 1.30
N LEU A 87 6.52 -16.64 0.39
CA LEU A 87 5.27 -17.37 0.29
C LEU A 87 5.13 -17.82 -1.15
N HIS A 88 5.17 -19.13 -1.37
CA HIS A 88 5.06 -19.76 -2.67
C HIS A 88 3.74 -20.53 -2.74
N GLY A 89 3.41 -20.97 -3.95
CA GLY A 89 2.28 -21.86 -4.15
C GLY A 89 0.92 -21.26 -3.93
N LEU A 90 0.77 -19.94 -4.07
CA LEU A 90 -0.52 -19.32 -3.88
C LEU A 90 -1.52 -19.72 -4.96
N THR A 91 -1.06 -19.91 -6.19
CA THR A 91 -1.97 -20.14 -7.30
C THR A 91 -1.23 -20.90 -8.40
N THR A 92 -1.92 -21.14 -9.50
CA THR A 92 -1.37 -21.82 -10.66
C THR A 92 -1.59 -20.95 -11.88
N GLU A 93 -0.87 -21.26 -12.97
CA GLU A 93 -1.04 -20.49 -14.19
C GLU A 93 -2.47 -20.55 -14.70
N GLU A 94 -3.13 -21.70 -14.57
CA GLU A 94 -4.51 -21.83 -15.06
C GLU A 94 -5.47 -20.97 -14.25
N GLU A 95 -5.32 -20.98 -12.92
CA GLU A 95 -6.25 -20.26 -12.06
C GLU A 95 -6.01 -18.76 -12.08
N PHE A 96 -4.77 -18.34 -12.35
CA PHE A 96 -4.35 -16.94 -12.23
C PHE A 96 -4.64 -16.19 -13.53
N VAL A 97 -5.94 -15.96 -13.75
CA VAL A 97 -6.42 -15.34 -14.99
C VAL A 97 -6.20 -13.82 -14.94
N GLU A 98 -6.42 -13.16 -16.07
CA GLU A 98 -6.44 -11.69 -16.10
C GLU A 98 -7.33 -11.16 -14.98
N GLY A 99 -6.91 -10.06 -14.38
CA GLY A 99 -7.77 -9.40 -13.43
C GLY A 99 -6.99 -8.40 -12.61
N ILE A 100 -7.71 -7.73 -11.72
CA ILE A 100 -7.12 -6.83 -10.75
C ILE A 100 -7.01 -7.59 -9.44
N TYR A 101 -5.79 -7.67 -8.90
CA TYR A 101 -5.51 -8.45 -7.71
C TYR A 101 -5.03 -7.53 -6.60
N LYS A 102 -5.36 -7.90 -5.36
CA LYS A 102 -4.93 -7.16 -4.20
C LYS A 102 -4.26 -8.11 -3.22
N VAL A 103 -3.03 -7.81 -2.84
CA VAL A 103 -2.33 -8.55 -1.79
C VAL A 103 -2.35 -7.68 -0.54
N GLU A 104 -2.96 -8.19 0.52
CA GLU A 104 -3.04 -7.48 1.80
C GLU A 104 -2.09 -8.21 2.75
N ILE A 105 -1.00 -7.56 3.12
CA ILE A 105 0.03 -8.16 3.97
C ILE A 105 -0.21 -7.67 5.40
N ASP A 106 -0.43 -8.61 6.34
CA ASP A 106 -0.76 -8.24 7.71
C ASP A 106 0.51 -7.85 8.46
N THR A 107 0.97 -6.63 8.19
CA THR A 107 2.19 -6.14 8.83
C THR A 107 1.97 -5.79 10.29
N LYS A 108 0.74 -5.36 10.65
CA LYS A 108 0.50 -4.93 12.03
C LYS A 108 0.71 -6.08 13.02
N SER A 109 0.13 -7.25 12.73
CA SER A 109 0.32 -8.40 13.62
C SER A 109 1.79 -8.78 13.73
N TYR A 110 2.53 -8.65 12.63
CA TYR A 110 3.96 -8.94 12.67
C TYR A 110 4.68 -8.06 13.68
N TRP A 111 4.48 -6.74 13.59
CA TRP A 111 5.18 -5.83 14.50
C TRP A 111 4.72 -6.00 15.94
N LYS A 112 3.41 -6.20 16.15
CA LYS A 112 2.90 -6.34 17.52
C LYS A 112 3.52 -7.54 18.22
N ALA A 113 3.72 -8.64 17.48
CA ALA A 113 4.36 -9.82 18.05
C ALA A 113 5.80 -9.56 18.45
N LEU A 114 6.45 -8.58 17.83
CA LEU A 114 7.80 -8.17 18.22
C LEU A 114 7.79 -7.06 19.27
N GLY A 115 6.62 -6.70 19.79
CA GLY A 115 6.51 -5.69 20.82
C GLY A 115 6.45 -4.27 20.31
N ILE A 116 6.20 -4.07 19.02
CA ILE A 116 6.22 -2.76 18.40
C ILE A 116 4.82 -2.39 17.96
N SER A 117 4.40 -1.16 18.24
CA SER A 117 3.11 -0.65 17.79
CA SER A 117 3.11 -0.65 17.79
C SER A 117 3.34 0.11 16.49
N PRO A 118 3.02 -0.46 15.34
CA PRO A 118 3.36 0.17 14.06
C PRO A 118 2.28 1.15 13.59
N PHE A 119 2.63 1.88 12.53
CA PHE A 119 1.72 2.87 11.97
C PHE A 119 0.65 2.22 11.10
N HIS A 120 1.04 1.32 10.20
CA HIS A 120 0.12 0.82 9.19
C HIS A 120 -0.71 -0.36 9.71
N GLU A 121 -1.94 -0.44 9.22
CA GLU A 121 -2.77 -1.61 9.52
C GLU A 121 -2.29 -2.82 8.72
N HIS A 122 -1.90 -2.58 7.47
CA HIS A 122 -1.38 -3.62 6.60
C HIS A 122 -0.72 -2.91 5.42
N ALA A 123 0.07 -3.67 4.67
CA ALA A 123 0.59 -3.22 3.40
C ALA A 123 -0.30 -3.78 2.30
N GLU A 124 -0.67 -2.94 1.34
CA GLU A 124 -1.57 -3.32 0.26
C GLU A 124 -0.87 -3.16 -1.07
N VAL A 125 -0.99 -4.17 -1.92
CA VAL A 125 -0.39 -4.15 -3.26
C VAL A 125 -1.51 -4.50 -4.24
N VAL A 126 -1.91 -3.53 -5.06
CA VAL A 126 -3.03 -3.71 -5.98
C VAL A 126 -2.51 -3.51 -7.40
N PHE A 127 -2.76 -4.49 -8.27
CA PHE A 127 -2.19 -4.46 -9.62
C PHE A 127 -3.05 -5.26 -10.58
N THR A 128 -3.00 -4.88 -11.86
CA THR A 128 -3.58 -5.67 -12.94
C THR A 128 -2.58 -6.72 -13.38
N ALA A 129 -3.01 -7.97 -13.47
CA ALA A 129 -2.12 -9.07 -13.78
C ALA A 129 -2.53 -9.71 -15.11
N ASN A 130 -1.53 -10.14 -15.88
CA ASN A 130 -1.74 -10.97 -17.07
C ASN A 130 -2.53 -10.25 -18.17
N ASP A 131 -2.46 -8.92 -18.18
CA ASP A 131 -3.19 -8.13 -19.17
C ASP A 131 -2.66 -8.37 -20.58
N SER A 132 -1.40 -8.75 -20.72
CA SER A 132 -0.79 -9.02 -22.03
C SER A 132 -0.40 -10.50 -22.17
N GLY A 133 -1.10 -11.38 -21.46
CA GLY A 133 -0.74 -12.77 -21.41
C GLY A 133 -0.11 -13.14 -20.08
N PRO A 134 0.12 -14.43 -19.87
CA PRO A 134 0.65 -14.88 -18.58
C PRO A 134 2.02 -14.28 -18.28
N ARG A 135 2.18 -13.86 -17.03
CA ARG A 135 3.47 -13.41 -16.51
C ARG A 135 3.68 -14.03 -15.14
N ARG A 136 4.93 -14.00 -14.69
CA ARG A 136 5.30 -14.42 -13.33
C ARG A 136 5.59 -13.17 -12.51
N TYR A 137 4.98 -13.07 -11.34
CA TYR A 137 5.05 -11.87 -10.51
C TYR A 137 5.71 -12.20 -9.19
N THR A 138 6.75 -11.45 -8.84
CA THR A 138 7.35 -11.51 -7.52
C THR A 138 7.12 -10.17 -6.86
N ILE A 139 6.34 -10.18 -5.77
CA ILE A 139 6.05 -8.98 -4.99
C ILE A 139 6.97 -9.01 -3.77
N ALA A 140 7.77 -7.97 -3.60
CA ALA A 140 8.66 -7.85 -2.46
C ALA A 140 8.20 -6.69 -1.59
N ALA A 141 8.31 -6.87 -0.27
CA ALA A 141 7.95 -5.82 0.67
C ALA A 141 9.04 -5.72 1.73
N LEU A 142 9.46 -4.50 2.02
CA LEU A 142 10.45 -4.21 3.05
C LEU A 142 9.76 -3.43 4.16
N LEU A 143 9.80 -3.94 5.39
CA LEU A 143 8.96 -3.44 6.47
C LEU A 143 9.77 -2.74 7.55
N SER A 144 9.29 -1.57 7.96
CA SER A 144 9.72 -0.85 9.16
C SER A 144 8.47 -0.46 9.92
N PRO A 145 8.59 -0.10 11.20
CA PRO A 145 7.38 0.22 11.98
C PRO A 145 6.54 1.34 11.41
N TYR A 146 7.17 2.39 10.87
CA TYR A 146 6.44 3.53 10.33
C TYR A 146 6.60 3.69 8.83
N SER A 147 7.10 2.67 8.14
CA SER A 147 7.33 2.80 6.72
C SER A 147 7.33 1.42 6.09
N TYR A 148 6.91 1.35 4.84
CA TYR A 148 7.15 0.14 4.06
C TYR A 148 7.39 0.52 2.61
N SER A 149 8.12 -0.34 1.92
CA SER A 149 8.34 -0.20 0.49
C SER A 149 7.94 -1.49 -0.17
N THR A 150 7.43 -1.40 -1.38
CA THR A 150 7.11 -2.61 -2.12
C THR A 150 7.56 -2.45 -3.56
N THR A 151 7.99 -3.56 -4.15
CA THR A 151 8.38 -3.55 -5.55
CA THR A 151 8.42 -3.57 -5.53
C THR A 151 7.88 -4.83 -6.19
N ALA A 152 7.85 -4.82 -7.52
CA ALA A 152 7.42 -5.98 -8.26
C ALA A 152 8.43 -6.28 -9.36
N VAL A 153 8.78 -7.56 -9.49
CA VAL A 153 9.54 -8.05 -10.63
C VAL A 153 8.59 -8.90 -11.46
N VAL A 154 8.47 -8.55 -12.75
CA VAL A 154 7.55 -9.21 -13.65
C VAL A 154 8.39 -9.85 -14.76
N THR A 155 8.25 -11.15 -14.92
CA THR A 155 9.03 -11.88 -15.91
C THR A 155 8.10 -12.63 -16.86
N ASN A 156 8.58 -12.79 -18.10
CA ASN A 156 7.84 -13.52 -19.12
C ASN A 156 8.47 -14.90 -19.34
N CYS B 42 -3.60 21.68 10.75
CA CYS B 42 -3.62 20.65 9.72
C CYS B 42 -3.14 19.33 10.30
N PRO B 43 -4.08 18.48 10.74
CA PRO B 43 -3.71 17.21 11.37
C PRO B 43 -3.24 16.15 10.39
N LEU B 44 -3.46 16.32 9.10
CA LEU B 44 -3.16 15.28 8.13
C LEU B 44 -2.70 15.93 6.83
N MET B 45 -1.45 15.66 6.43
CA MET B 45 -0.89 16.15 5.19
C MET B 45 -0.27 14.98 4.43
N VAL B 46 -0.26 15.08 3.11
CA VAL B 46 0.33 14.07 2.24
C VAL B 46 1.34 14.73 1.32
N LYS B 47 2.52 14.11 1.18
CA LYS B 47 3.56 14.60 0.28
C LYS B 47 3.98 13.47 -0.62
N VAL B 48 4.01 13.72 -1.93
CA VAL B 48 4.29 12.70 -2.93
C VAL B 48 5.48 13.13 -3.78
N LEU B 49 6.44 12.23 -3.97
CA LEU B 49 7.65 12.49 -4.74
C LEU B 49 7.77 11.51 -5.89
N ASP B 50 8.45 11.94 -6.95
CA ASP B 50 8.62 11.16 -8.17
C ASP B 50 10.09 10.76 -8.24
N ALA B 51 10.36 9.47 -8.12
CA ALA B 51 11.73 8.93 -8.12
C ALA B 51 12.33 8.79 -9.51
N VAL B 52 11.54 8.93 -10.56
CA VAL B 52 12.05 8.90 -11.93
C VAL B 52 12.53 10.28 -12.37
N ARG B 53 11.75 11.32 -12.07
CA ARG B 53 12.05 12.67 -12.49
C ARG B 53 12.80 13.48 -11.43
N GLY B 54 12.87 12.99 -10.19
CA GLY B 54 13.53 13.72 -9.13
C GLY B 54 12.81 15.00 -8.77
N SER B 55 11.50 14.92 -8.57
CA SER B 55 10.68 16.10 -8.44
C SER B 55 9.49 15.77 -7.56
N PRO B 56 8.81 16.78 -7.02
CA PRO B 56 7.49 16.53 -6.44
C PRO B 56 6.60 15.93 -7.51
N ALA B 57 5.68 15.08 -7.08
CA ALA B 57 4.69 14.48 -7.98
C ALA B 57 3.47 15.39 -7.96
N ILE B 58 3.26 16.12 -9.05
CA ILE B 58 2.29 17.21 -9.11
C ILE B 58 1.01 16.68 -9.75
N ASN B 59 -0.13 17.18 -9.27
CA ASN B 59 -1.43 16.84 -9.84
C ASN B 59 -1.81 15.39 -9.62
N VAL B 60 -1.34 14.79 -8.53
CA VAL B 60 -1.69 13.41 -8.19
C VAL B 60 -2.97 13.44 -7.37
N ALA B 61 -4.00 12.76 -7.86
CA ALA B 61 -5.26 12.70 -7.14
C ALA B 61 -5.21 11.62 -6.06
N MET B 62 -5.88 11.90 -4.95
CA MET B 62 -6.01 10.89 -3.90
C MET B 62 -7.33 11.08 -3.18
N HIS B 63 -7.84 9.98 -2.63
CA HIS B 63 -9.02 9.99 -1.77
C HIS B 63 -8.65 9.42 -0.42
N VAL B 64 -9.23 10.00 0.64
CA VAL B 64 -9.07 9.50 2.00
C VAL B 64 -10.40 8.89 2.43
N PHE B 65 -10.34 7.71 3.01
CA PHE B 65 -11.53 7.00 3.47
C PHE B 65 -11.39 6.73 4.96
N ARG B 66 -12.53 6.66 5.64
CA ARG B 66 -12.58 6.24 7.05
C ARG B 66 -13.39 4.96 7.12
N LYS B 67 -12.87 3.98 7.87
CA LYS B 67 -13.54 2.69 7.96
C LYS B 67 -14.78 2.82 8.82
N ALA B 68 -15.91 2.36 8.29
CA ALA B 68 -17.19 2.42 8.99
C ALA B 68 -17.41 1.15 9.80
N ALA B 69 -18.49 1.16 10.59
CA ALA B 69 -18.78 0.02 11.45
C ALA B 69 -19.05 -1.26 10.65
N ASP B 70 -19.66 -1.13 9.47
CA ASP B 70 -19.93 -2.27 8.61
C ASP B 70 -18.71 -2.71 7.80
N ASP B 71 -17.52 -2.21 8.14
CA ASP B 71 -16.26 -2.56 7.49
C ASP B 71 -16.14 -2.05 6.06
N THR B 72 -16.95 -1.06 5.69
CA THR B 72 -16.82 -0.42 4.38
C THR B 72 -16.08 0.90 4.52
N TRP B 73 -15.61 1.41 3.38
CA TRP B 73 -14.80 2.61 3.34
C TRP B 73 -15.68 3.80 2.98
N GLU B 74 -15.85 4.71 3.93
CA GLU B 74 -16.65 5.91 3.71
C GLU B 74 -15.74 7.02 3.21
N PRO B 75 -16.03 7.62 2.06
CA PRO B 75 -15.21 8.75 1.59
C PRO B 75 -15.21 9.87 2.63
N PHE B 76 -14.02 10.42 2.86
CA PHE B 76 -13.76 11.37 3.93
C PHE B 76 -13.24 12.70 3.40
N ALA B 77 -12.27 12.66 2.50
CA ALA B 77 -11.66 13.85 1.93
C ALA B 77 -10.91 13.43 0.67
N SER B 78 -10.55 14.43 -0.15
CA SER B 78 -9.80 14.14 -1.37
C SER B 78 -9.22 15.44 -1.91
N GLY B 79 -8.32 15.29 -2.87
CA GLY B 79 -7.72 16.44 -3.54
C GLY B 79 -6.62 15.98 -4.48
N LYS B 80 -5.89 16.96 -4.99
CA LYS B 80 -4.75 16.72 -5.87
C LYS B 80 -3.53 17.42 -5.30
N THR B 81 -2.36 16.81 -5.47
CA THR B 81 -1.14 17.43 -4.95
C THR B 81 -0.83 18.71 -5.70
N SER B 82 -0.20 19.64 -4.99
CA SER B 82 0.16 20.94 -5.52
C SER B 82 1.46 20.84 -6.30
N GLU B 83 1.99 22.00 -6.73
CA GLU B 83 3.27 22.03 -7.42
C GLU B 83 4.42 21.58 -6.53
N SER B 84 4.24 21.60 -5.22
CA SER B 84 5.22 21.08 -4.30
C SER B 84 4.96 19.61 -3.94
N GLY B 85 4.02 18.97 -4.63
CA GLY B 85 3.70 17.59 -4.35
C GLY B 85 2.96 17.37 -3.05
N GLU B 86 2.36 18.41 -2.48
CA GLU B 86 1.72 18.34 -1.19
C GLU B 86 0.22 18.54 -1.31
N LEU B 87 -0.51 17.92 -0.39
CA LEU B 87 -1.95 18.11 -0.29
C LEU B 87 -2.26 18.40 1.17
N HIS B 88 -2.75 19.61 1.44
CA HIS B 88 -3.11 20.08 2.77
C HIS B 88 -4.63 20.27 2.84
N GLY B 89 -5.10 20.63 4.05
CA GLY B 89 -6.50 20.97 4.22
C GLY B 89 -7.46 19.82 4.06
N LEU B 90 -7.02 18.59 4.29
CA LEU B 90 -7.91 17.43 4.12
C LEU B 90 -8.96 17.37 5.22
N THR B 91 -8.58 17.70 6.45
CA THR B 91 -9.50 17.55 7.58
C THR B 91 -9.15 18.56 8.66
N THR B 92 -9.94 18.56 9.72
CA THR B 92 -9.71 19.40 10.88
C THR B 92 -9.49 18.52 12.11
N GLU B 93 -8.95 19.12 13.16
CA GLU B 93 -8.69 18.37 14.39
C GLU B 93 -9.99 17.78 14.93
N GLU B 94 -11.08 18.54 14.90
CA GLU B 94 -12.36 18.07 15.41
C GLU B 94 -12.87 16.87 14.63
N GLU B 95 -12.71 16.89 13.30
CA GLU B 95 -13.25 15.83 12.46
C GLU B 95 -12.35 14.60 12.46
N PHE B 96 -11.06 14.79 12.68
CA PHE B 96 -10.08 13.71 12.54
C PHE B 96 -9.99 12.91 13.83
N VAL B 97 -11.05 12.16 14.10
CA VAL B 97 -11.16 11.35 15.31
C VAL B 97 -10.44 10.02 15.11
N GLU B 98 -10.22 9.30 16.20
CA GLU B 98 -9.59 7.98 16.12
C GLU B 98 -10.39 7.06 15.22
N GLY B 99 -9.70 6.14 14.58
CA GLY B 99 -10.31 5.24 13.62
C GLY B 99 -9.28 4.76 12.64
N ILE B 100 -9.74 3.95 11.70
CA ILE B 100 -8.88 3.41 10.65
C ILE B 100 -9.12 4.22 9.39
N TYR B 101 -8.04 4.72 8.79
CA TYR B 101 -8.12 5.58 7.62
C TYR B 101 -7.33 4.96 6.47
N LYS B 102 -7.79 5.22 5.26
CA LYS B 102 -7.12 4.75 4.06
C LYS B 102 -6.91 5.92 3.11
N VAL B 103 -5.67 6.12 2.69
CA VAL B 103 -5.35 7.10 1.66
C VAL B 103 -5.05 6.31 0.39
N GLU B 104 -5.84 6.55 -0.65
CA GLU B 104 -5.71 5.84 -1.92
C GLU B 104 -5.18 6.84 -2.94
N ILE B 105 -3.94 6.65 -3.36
CA ILE B 105 -3.24 7.59 -4.22
C ILE B 105 -3.28 7.04 -5.65
N ASP B 106 -3.85 7.82 -6.57
CA ASP B 106 -4.00 7.36 -7.96
C ASP B 106 -2.67 7.51 -8.69
N THR B 107 -1.76 6.59 -8.37
CA THR B 107 -0.44 6.60 -9.01
C THR B 107 -0.53 6.17 -10.47
N LYS B 108 -1.52 5.33 -10.81
CA LYS B 108 -1.60 4.83 -12.17
C LYS B 108 -1.86 5.95 -13.17
N SER B 109 -2.79 6.86 -12.84
CA SER B 109 -3.06 7.98 -13.74
C SER B 109 -1.87 8.92 -13.85
N TYR B 110 -1.08 9.02 -12.79
CA TYR B 110 0.12 9.87 -12.83
C TYR B 110 1.12 9.33 -13.84
N TRP B 111 1.45 8.04 -13.75
CA TRP B 111 2.41 7.45 -14.68
C TRP B 111 1.87 7.41 -16.10
N LYS B 112 0.56 7.22 -16.26
CA LYS B 112 -0.02 7.24 -17.61
C LYS B 112 0.15 8.60 -18.26
N ALA B 113 0.03 9.68 -17.47
CA ALA B 113 0.20 11.02 -18.01
C ALA B 113 1.63 11.24 -18.48
N LEU B 114 2.60 10.60 -17.85
CA LEU B 114 4.01 10.71 -18.24
C LEU B 114 4.40 9.72 -19.33
N GLY B 115 3.47 8.90 -19.81
CA GLY B 115 3.80 7.92 -20.83
C GLY B 115 4.61 6.75 -20.35
N ILE B 116 4.50 6.39 -19.07
CA ILE B 116 5.30 5.33 -18.48
C ILE B 116 4.37 4.24 -17.96
N SER B 117 4.61 3.00 -18.34
CA SER B 117 3.72 1.91 -17.97
C SER B 117 3.94 1.54 -16.50
N PRO B 118 2.92 1.66 -15.65
CA PRO B 118 3.11 1.39 -14.22
C PRO B 118 2.65 0.00 -13.79
N PHE B 119 3.08 -0.44 -12.62
CA PHE B 119 2.65 -1.73 -12.10
C PHE B 119 1.36 -1.63 -11.29
N HIS B 120 1.30 -0.68 -10.35
CA HIS B 120 0.22 -0.64 -9.38
C HIS B 120 -1.00 0.10 -9.92
N GLU B 121 -2.18 -0.35 -9.48
CA GLU B 121 -3.41 0.38 -9.76
C GLU B 121 -3.46 1.68 -8.98
N HIS B 122 -2.99 1.65 -7.74
CA HIS B 122 -2.87 2.82 -6.88
C HIS B 122 -1.92 2.46 -5.75
N ALA B 123 -1.53 3.47 -4.99
CA ALA B 123 -0.79 3.26 -3.75
C ALA B 123 -1.74 3.46 -2.60
N GLU B 124 -1.76 2.51 -1.67
CA GLU B 124 -2.68 2.55 -0.54
C GLU B 124 -1.91 2.69 0.77
N VAL B 125 -2.36 3.58 1.63
CA VAL B 125 -1.78 3.79 2.94
C VAL B 125 -2.91 3.64 3.95
N VAL B 126 -2.92 2.55 4.71
CA VAL B 126 -3.99 2.25 5.65
C VAL B 126 -3.41 2.27 7.06
N PHE B 127 -4.02 3.06 7.95
CA PHE B 127 -3.44 3.29 9.26
C PHE B 127 -4.52 3.56 10.29
N THR B 128 -4.18 3.30 11.55
CA THR B 128 -5.03 3.70 12.68
C THR B 128 -4.54 5.03 13.22
N ALA B 129 -5.46 5.99 13.35
CA ALA B 129 -5.18 7.25 14.01
C ALA B 129 -5.50 7.09 15.50
N ASN B 130 -4.54 7.46 16.34
CA ASN B 130 -4.67 7.26 17.78
C ASN B 130 -4.34 8.55 18.51
N ASP B 131 -5.14 8.86 19.53
CA ASP B 131 -4.96 10.07 20.33
C ASP B 131 -3.96 9.79 21.45
N SER B 132 -2.73 10.27 21.26
CA SER B 132 -1.69 10.25 22.30
C SER B 132 -1.04 11.61 22.23
N GLY B 133 -1.59 12.57 22.97
CA GLY B 133 -1.15 13.94 22.89
C GLY B 133 -1.48 14.57 21.55
N PRO B 134 -1.11 15.84 21.38
CA PRO B 134 -1.32 16.51 20.09
C PRO B 134 -0.42 15.91 19.03
N ARG B 135 -1.02 15.29 18.02
CA ARG B 135 -0.29 14.60 16.97
C ARG B 135 -0.70 15.12 15.61
N ARG B 136 0.28 15.41 14.76
CA ARG B 136 0.06 15.75 13.36
C ARG B 136 0.68 14.67 12.50
N TYR B 137 -0.04 14.26 11.45
CA TYR B 137 0.38 13.17 10.58
C TYR B 137 0.80 13.71 9.23
N THR B 138 2.01 13.35 8.79
CA THR B 138 2.44 13.58 7.42
C THR B 138 2.70 12.22 6.78
N ILE B 139 1.95 11.91 5.73
CA ILE B 139 2.13 10.69 4.95
C ILE B 139 2.98 11.07 3.75
N ALA B 140 4.15 10.45 3.62
CA ALA B 140 5.02 10.69 2.48
C ALA B 140 5.03 9.45 1.61
N ALA B 141 5.04 9.65 0.29
CA ALA B 141 5.04 8.54 -0.66
C ALA B 141 6.06 8.86 -1.74
N LEU B 142 6.91 7.88 -2.05
CA LEU B 142 7.92 8.00 -3.08
C LEU B 142 7.55 7.01 -4.17
N LEU B 143 7.41 7.51 -5.40
CA LEU B 143 6.79 6.74 -6.48
C LEU B 143 7.82 6.39 -7.55
N SER B 144 7.85 5.12 -7.94
CA SER B 144 8.51 4.63 -9.14
C SER B 144 7.50 3.79 -9.89
N PRO B 145 7.73 3.53 -11.19
CA PRO B 145 6.72 2.79 -11.96
C PRO B 145 6.39 1.41 -11.41
N TYR B 146 7.39 0.66 -10.91
CA TYR B 146 7.17 -0.67 -10.38
C TYR B 146 7.40 -0.77 -8.88
N SER B 147 7.43 0.37 -8.18
CA SER B 147 7.70 0.34 -6.76
CA SER B 147 7.70 0.34 -6.76
C SER B 147 7.18 1.62 -6.12
N TYR B 148 6.82 1.51 -4.84
CA TYR B 148 6.54 2.70 -4.07
C TYR B 148 6.92 2.45 -2.61
N SER B 149 7.31 3.53 -1.93
CA SER B 149 7.61 3.49 -0.52
C SER B 149 6.76 4.55 0.15
N THR B 150 6.35 4.28 1.38
CA THR B 150 5.56 5.26 2.11
C THR B 150 6.02 5.28 3.56
N THR B 151 6.05 6.48 4.13
CA THR B 151 6.44 6.64 5.52
C THR B 151 5.46 7.59 6.18
N ALA B 152 5.37 7.49 7.50
CA ALA B 152 4.58 8.40 8.30
C ALA B 152 5.51 9.16 9.23
N VAL B 153 5.36 10.47 9.26
CA VAL B 153 6.07 11.32 10.21
C VAL B 153 5.00 11.85 11.16
N VAL B 154 5.08 11.43 12.41
CA VAL B 154 4.08 11.77 13.42
C VAL B 154 4.74 12.67 14.44
N THR B 155 4.31 13.92 14.50
CA THR B 155 4.95 14.93 15.34
C THR B 155 3.91 15.59 16.25
N ASN B 156 4.42 16.43 17.14
CA ASN B 156 3.57 17.14 18.09
C ASN B 156 3.44 18.61 17.69
C1 1N1 C . 13.53 -7.59 -3.26
C2 1N1 C . 14.34 -7.34 -2.22
C3 1N1 C . 14.37 -6.16 -1.60
N6 1N1 C . 13.85 -17.76 -6.03
C7 1N1 C . 13.34 -1.41 -0.67
C8 1N1 C . 12.21 -2.20 -0.85
C9 1N1 C . 12.35 -3.49 -1.38
C10 1N1 C . 11.09 -4.35 -1.58
C11 1N1 C . 14.32 -11.52 -4.43
C12 1N1 C . 14.27 -12.92 -4.42
C13 1N1 C . 13.75 -13.58 -5.53
C14 1N1 C . 13.38 -11.53 -6.57
C15 1N1 C . 12.88 -10.77 -7.78
C16 1N1 C . 14.27 -15.77 -4.54
C19 1N1 C . 12.99 -15.58 -6.72
C20 1N1 C . 13.53 -19.10 -5.52
C21 1N1 C . 12.68 -19.03 -4.25
N 1N1 C . 14.83 -10.88 -3.35
C 1N1 C . 14.52 -9.60 -3.09
N1 1N1 C . 13.63 -8.85 -3.74
S 1N1 C . 15.21 -8.66 -1.86
N2 1N1 C . 13.69 -5.19 -2.22
C4 1N1 C . 13.60 -3.96 -1.71
C5 1N1 C . 14.74 -3.17 -1.55
C6 1N1 C . 14.59 -1.90 -1.02
CL 1N1 C . 16.31 -3.72 -1.96
O 1N1 C . 15.00 -6.01 -0.55
N3 1N1 C . 13.32 -12.87 -6.58
N4 1N1 C . 13.88 -10.88 -5.51
N5 1N1 C . 13.67 -14.92 -5.59
C17 1N1 C . 14.83 -17.05 -5.17
C18 1N1 C . 12.63 -16.99 -6.31
O1 1N1 C . 13.51 -19.07 -3.09
C1 1N1 D . 11.08 13.03 1.43
C2 1N1 D . 10.41 12.26 2.28
C3 1N1 D . 10.47 10.93 2.30
N6 1N1 D . 7.92 22.66 4.08
C7 1N1 D . 11.57 6.37 0.85
C8 1N1 D . 12.67 7.22 0.87
C9 1N1 D . 12.48 8.60 0.99
C10 1N1 D . 13.68 9.54 1.03
C11 1N1 D . 9.77 16.91 2.35
C12 1N1 D . 9.18 18.06 2.83
C13 1N1 D . 9.40 19.26 2.17
C14 1N1 D . 10.71 18.14 0.60
C15 1N1 D . 11.57 18.16 -0.65
C16 1N1 D . 7.70 20.25 3.60
C19 1N1 D . 9.32 21.71 2.26
C20 1N1 D . 7.88 23.65 5.16
C21 1N1 D . 6.58 23.57 5.95
N 1N1 D . 9.53 15.77 3.02
C 1N1 D . 9.97 14.59 2.59
N1 1N1 D . 10.84 14.34 1.61
S 1N1 D . 9.50 13.18 3.25
N2 1N1 D . 11.04 10.41 1.21
C4 1N1 D . 11.19 9.09 1.10
C5 1N1 D . 10.08 8.25 1.06
C6 1N1 D . 10.28 6.88 0.94
CL 1N1 D . 8.46 8.85 1.18
O 1N1 D . 10.03 10.29 3.25
N3 1N1 D . 10.17 19.27 1.07
N4 1N1 D . 10.51 16.98 1.24
N5 1N1 D . 8.83 20.38 2.65
C17 1N1 D . 7.74 21.32 4.66
C18 1N1 D . 9.23 22.71 3.41
O1 1N1 D . 6.69 24.34 7.15
#